data_5Y7R
#
_entry.id   5Y7R
#
_cell.length_a   73.441
_cell.length_b   119.689
_cell.length_c   66.207
_cell.angle_alpha   90.00
_cell.angle_beta   90.00
_cell.angle_gamma   90.00
#
_symmetry.space_group_name_H-M   'C 2 2 21'
#
loop_
_entity.id
_entity.type
_entity.pdbx_description
1 polymer 'Iron/alpha-ketoglutarate-dependent dioxygenase asqJ'
2 non-polymer 'FE (III) ION'
3 non-polymer '2-OXOGLUTARIC ACID'
4 non-polymer cyclopeptin
5 water water
#
_entity_poly.entity_id   1
_entity_poly.type   'polypeptide(L)'
_entity_poly.pdbx_seq_one_letter_code
;MTSKDHVKSQIPRLSAINDLHKIWPTVEEHGAAIIESFLSLDIVRRLNEEVDPFVKIEPIPAAKTKDHPNHVLSTTTRLV
NVLAPISKAYREDVLNSKVLHRICSDAFHVYGDYWVLMGAVMELAPSNPAQPLHRDMRFSHPIVEYLKPDAPATSINFLV
ALSPFTAENGATHVILGSHKWQNLSNVSMDATVRALMNPGDALLITDSTIHCGGAETTGTETRRLLTITMGISQLTPLES
NLAVPRPVIESLTPLAQRLLGWASQRSAAPRDIGLLTIRGNSIEKTMNLKAEQPLHDDEAEPLCRETI
;
_entity_poly.pdbx_strand_id   B
#
loop_
_chem_comp.id
_chem_comp.type
_chem_comp.name
_chem_comp.formula
58K non-polymer cyclopeptin 'C17 H16 N2 O2'
AKG non-polymer '2-OXOGLUTARIC ACID' 'C5 H6 O5'
FE non-polymer 'FE (III) ION' 'Fe 3'
#
# COMPACT_ATOMS: atom_id res chain seq x y z
N SER A 9 11.66 11.43 19.45
CA SER A 9 12.11 10.23 18.78
C SER A 9 11.55 10.25 17.38
N GLN A 10 12.42 10.15 16.40
CA GLN A 10 12.04 10.35 15.00
C GLN A 10 11.92 9.02 14.25
N ILE A 11 11.19 9.05 13.14
CA ILE A 11 10.98 7.79 12.41
C ILE A 11 12.34 7.28 11.94
N PRO A 12 12.69 6.01 12.15
CA PRO A 12 13.98 5.52 11.67
C PRO A 12 14.03 5.56 10.16
N ARG A 13 15.23 5.81 9.63
CA ARG A 13 15.41 5.93 8.19
C ARG A 13 16.38 4.84 7.77
N LEU A 14 16.01 4.07 6.75
CA LEU A 14 16.82 2.93 6.31
C LEU A 14 17.03 3.00 4.81
N SER A 15 18.17 2.49 4.35
CA SER A 15 18.46 2.39 2.93
C SER A 15 17.81 1.14 2.35
N ALA A 16 17.21 1.28 1.17
CA ALA A 16 16.54 0.13 0.57
C ALA A 16 17.53 -1.00 0.26
N ILE A 17 18.75 -0.66 -0.15
CA ILE A 17 19.78 -1.65 -0.47
C ILE A 17 20.57 -2.02 0.77
N ASN A 18 21.29 -1.05 1.34
CA ASN A 18 22.19 -1.31 2.45
C ASN A 18 21.48 -2.01 3.60
N ASP A 19 20.33 -1.47 4.02
CA ASP A 19 19.68 -1.85 5.27
C ASP A 19 18.52 -2.84 5.07
N LEU A 20 18.42 -3.45 3.89
CA LEU A 20 17.23 -4.22 3.56
C LEU A 20 16.75 -5.13 4.70
N HIS A 21 17.64 -5.92 5.28
CA HIS A 21 17.21 -6.84 6.32
C HIS A 21 16.78 -6.12 7.59
N LYS A 22 17.04 -4.83 7.74
CA LYS A 22 16.65 -4.15 8.96
C LYS A 22 15.25 -3.55 8.89
N ILE A 23 14.64 -3.54 7.71
CA ILE A 23 13.47 -2.70 7.50
C ILE A 23 12.26 -3.26 8.24
N TRP A 24 11.95 -4.53 8.02
CA TRP A 24 10.76 -5.07 8.68
C TRP A 24 10.96 -5.18 10.19
N PRO A 25 12.08 -5.71 10.70
CA PRO A 25 12.31 -5.64 12.15
C PRO A 25 12.16 -4.24 12.72
N THR A 26 12.55 -3.20 11.98
CA THR A 26 12.40 -1.84 12.48
C THR A 26 10.91 -1.48 12.59
N VAL A 27 10.13 -1.78 11.54
CA VAL A 27 8.70 -1.50 11.59
C VAL A 27 8.03 -2.35 12.67
N GLU A 28 8.38 -3.62 12.74
CA GLU A 28 7.75 -4.48 13.75
C GLU A 28 7.98 -3.91 15.15
N GLU A 29 9.17 -3.33 15.38
CA GLU A 29 9.44 -2.76 16.69
C GLU A 29 8.78 -1.39 16.88
N HIS A 30 9.03 -0.45 15.96
CA HIS A 30 8.62 0.94 16.17
C HIS A 30 7.31 1.32 15.51
N GLY A 31 6.76 0.46 14.64
CA GLY A 31 5.53 0.75 13.91
C GLY A 31 5.71 1.55 12.64
N ALA A 32 6.90 2.07 12.36
CA ALA A 32 7.12 2.86 11.16
C ALA A 32 8.61 2.83 10.82
N ALA A 33 8.88 3.00 9.54
CA ALA A 33 10.24 3.26 9.07
C ALA A 33 10.13 3.97 7.73
N ILE A 34 11.15 4.74 7.41
CA ILE A 34 11.26 5.39 6.11
C ILE A 34 12.30 4.63 5.30
N ILE A 35 11.87 4.11 4.16
CA ILE A 35 12.77 3.42 3.25
C ILE A 35 13.25 4.47 2.26
N GLU A 36 14.52 4.86 2.37
CA GLU A 36 15.03 5.87 1.47
C GLU A 36 15.30 5.23 0.12
N SER A 37 14.84 5.91 -0.93
CA SER A 37 15.03 5.46 -2.31
C SER A 37 14.39 4.09 -2.57
N PHE A 38 13.17 3.90 -2.03
CA PHE A 38 12.41 2.69 -2.29
C PHE A 38 12.17 2.50 -3.79
N LEU A 39 11.65 3.52 -4.45
CA LEU A 39 11.57 3.54 -5.91
C LEU A 39 12.55 4.56 -6.46
N SER A 40 13.26 4.19 -7.53
CA SER A 40 14.14 5.13 -8.19
C SER A 40 13.34 6.28 -8.79
N LEU A 41 14.02 7.42 -8.99
CA LEU A 41 13.35 8.58 -9.55
C LEU A 41 12.83 8.33 -10.95
N ASP A 42 13.54 7.52 -11.74
CA ASP A 42 13.03 7.17 -13.06
C ASP A 42 11.71 6.42 -12.97
N ILE A 43 11.55 5.53 -11.97
CA ILE A 43 10.27 4.84 -11.84
C ILE A 43 9.20 5.82 -11.37
N VAL A 44 9.55 6.72 -10.44
CA VAL A 44 8.65 7.76 -9.98
C VAL A 44 8.18 8.61 -11.15
N ARG A 45 9.13 9.04 -11.99
CA ARG A 45 8.77 9.84 -13.15
C ARG A 45 7.76 9.10 -14.02
N ARG A 46 8.04 7.84 -14.32
CA ARG A 46 7.20 7.08 -15.24
C ARG A 46 5.81 6.84 -14.65
N LEU A 47 5.74 6.43 -13.38
CA LEU A 47 4.46 6.29 -12.70
C LEU A 47 3.66 7.58 -12.80
N ASN A 48 4.28 8.70 -12.40
CA ASN A 48 3.62 9.99 -12.45
C ASN A 48 3.04 10.24 -13.84
N GLU A 49 3.87 10.15 -14.88
CA GLU A 49 3.39 10.40 -16.23
C GLU A 49 2.24 9.48 -16.60
N GLU A 50 2.31 8.23 -16.18
CA GLU A 50 1.32 7.26 -16.64
C GLU A 50 -0.01 7.43 -15.90
N VAL A 51 0.02 7.82 -14.62
CA VAL A 51 -1.25 7.99 -13.93
C VAL A 51 -1.81 9.41 -14.03
N ASP A 52 -1.02 10.40 -14.49
CA ASP A 52 -1.49 11.78 -14.46
C ASP A 52 -2.91 11.95 -14.98
N PRO A 53 -3.22 11.55 -16.21
CA PRO A 53 -4.57 11.83 -16.72
C PRO A 53 -5.65 11.14 -15.90
N PHE A 54 -5.36 9.98 -15.30
CA PHE A 54 -6.38 9.32 -14.51
C PHE A 54 -6.61 10.05 -13.20
N VAL A 55 -5.55 10.64 -12.63
CA VAL A 55 -5.73 11.54 -11.49
C VAL A 55 -6.61 12.73 -11.88
N LYS A 56 -6.30 13.39 -12.99
CA LYS A 56 -7.05 14.60 -13.35
C LYS A 56 -8.53 14.31 -13.58
N ILE A 57 -8.89 13.12 -14.09
CA ILE A 57 -10.31 12.87 -14.33
C ILE A 57 -11.02 12.22 -13.16
N GLU A 58 -10.31 11.80 -12.12
CA GLU A 58 -10.94 11.13 -10.98
C GLU A 58 -11.83 12.12 -10.23
N PRO A 59 -13.10 11.79 -10.00
CA PRO A 59 -13.98 12.67 -9.21
C PRO A 59 -13.73 12.49 -7.72
N ILE A 60 -14.52 13.20 -6.92
CA ILE A 60 -14.37 13.20 -5.47
C ILE A 60 -14.59 11.80 -4.91
N PRO A 61 -13.99 11.47 -3.77
CA PRO A 61 -14.10 10.09 -3.27
C PRO A 61 -15.54 9.58 -3.18
N ALA A 62 -16.49 10.44 -2.78
CA ALA A 62 -17.89 10.12 -2.58
C ALA A 62 -18.78 10.51 -3.77
N ALA A 63 -18.20 10.67 -4.95
CA ALA A 63 -18.96 11.09 -6.13
C ALA A 63 -20.24 10.29 -6.27
N LYS A 64 -21.31 10.98 -6.66
CA LYS A 64 -22.65 10.41 -6.77
C LYS A 64 -22.75 9.34 -7.85
N THR A 65 -21.84 9.33 -8.82
CA THR A 65 -21.84 8.35 -9.89
C THR A 65 -21.25 7.01 -9.44
N LYS A 66 -20.62 6.97 -8.27
CA LYS A 66 -19.96 5.76 -7.79
C LYS A 66 -20.96 4.91 -7.00
N ASP A 67 -20.91 3.61 -7.22
CA ASP A 67 -21.77 2.76 -6.41
C ASP A 67 -21.03 2.20 -5.19
N HIS A 68 -19.73 2.46 -5.06
CA HIS A 68 -19.00 2.29 -3.82
C HIS A 68 -18.28 3.58 -3.46
N PRO A 69 -19.02 4.65 -3.17
CA PRO A 69 -18.35 5.90 -2.80
C PRO A 69 -17.50 5.72 -1.55
N ASN A 70 -16.42 6.47 -1.48
CA ASN A 70 -15.59 6.51 -0.27
C ASN A 70 -16.00 7.79 0.47
N HIS A 71 -16.73 7.62 1.57
CA HIS A 71 -17.20 8.74 2.37
C HIS A 71 -16.16 9.22 3.38
N VAL A 72 -15.06 8.51 3.54
CA VAL A 72 -14.08 8.84 4.59
C VAL A 72 -13.07 9.86 4.12
N LEU A 73 -12.56 9.72 2.89
CA LEU A 73 -11.56 10.64 2.38
C LEU A 73 -12.16 12.03 2.14
N SER A 74 -11.34 13.05 2.32
CA SER A 74 -11.77 14.43 2.09
C SER A 74 -12.03 14.68 0.60
N THR A 75 -12.89 15.67 0.34
CA THR A 75 -13.24 16.06 -1.02
C THR A 75 -12.06 16.64 -1.79
N THR A 76 -10.97 16.99 -1.11
CA THR A 76 -9.75 17.47 -1.74
C THR A 76 -8.72 16.37 -1.94
N THR A 77 -9.10 15.11 -1.70
CA THR A 77 -8.31 13.95 -2.04
C THR A 77 -8.79 13.36 -3.36
N ARG A 78 -7.85 12.92 -4.22
CA ARG A 78 -8.19 12.03 -5.33
C ARG A 78 -7.44 10.72 -5.16
N LEU A 79 -8.15 9.61 -5.31
CA LEU A 79 -7.55 8.30 -5.16
C LEU A 79 -7.85 7.49 -6.41
N VAL A 80 -6.80 6.97 -7.04
CA VAL A 80 -6.93 6.11 -8.21
C VAL A 80 -6.28 4.78 -7.88
N ASN A 81 -7.07 3.70 -7.86
CA ASN A 81 -6.57 2.35 -7.63
C ASN A 81 -6.73 1.54 -8.91
N VAL A 82 -6.53 0.23 -8.82
CA VAL A 82 -6.45 -0.66 -9.99
C VAL A 82 -5.50 -0.01 -10.99
N LEU A 83 -4.22 0.09 -10.60
CA LEU A 83 -3.21 0.76 -11.39
C LEU A 83 -2.64 -0.11 -12.50
N ALA A 84 -2.76 -1.44 -12.42
CA ALA A 84 -2.07 -2.28 -13.40
C ALA A 84 -2.46 -1.91 -14.83
N PRO A 85 -3.74 -1.75 -15.18
CA PRO A 85 -4.08 -1.39 -16.57
C PRO A 85 -3.63 0.01 -16.94
N ILE A 86 -3.30 0.85 -16.00
CA ILE A 86 -2.90 2.18 -16.33
C ILE A 86 -1.42 2.39 -16.43
N SER A 87 -0.64 1.64 -15.69
CA SER A 87 0.78 1.96 -15.52
C SER A 87 1.68 0.76 -15.75
N LYS A 88 2.51 0.84 -16.78
CA LYS A 88 3.59 -0.14 -16.98
C LYS A 88 4.63 -0.08 -15.86
N ALA A 89 5.00 1.12 -15.42
CA ALA A 89 5.96 1.20 -14.31
C ALA A 89 5.47 0.43 -13.08
N TYR A 90 4.19 0.59 -12.74
CA TYR A 90 3.61 -0.07 -11.58
C TYR A 90 3.56 -1.58 -11.76
N ARG A 91 2.96 -2.04 -12.86
CA ARG A 91 2.74 -3.47 -13.02
C ARG A 91 4.03 -4.24 -13.28
N GLU A 92 5.09 -3.58 -13.77
CA GLU A 92 6.37 -4.25 -13.95
C GLU A 92 7.34 -3.94 -12.80
N ASP A 93 7.70 -2.67 -12.64
CA ASP A 93 8.73 -2.30 -11.69
C ASP A 93 8.27 -2.46 -10.26
N VAL A 94 7.09 -1.91 -9.93
CA VAL A 94 6.65 -1.84 -8.54
C VAL A 94 6.23 -3.22 -8.06
N LEU A 95 5.39 -3.92 -8.84
CA LEU A 95 4.90 -5.21 -8.38
C LEU A 95 6.01 -6.25 -8.30
N ASN A 96 7.14 -6.03 -8.97
CA ASN A 96 8.29 -6.91 -8.87
C ASN A 96 9.39 -6.37 -7.97
N SER A 97 9.13 -5.30 -7.22
CA SER A 97 10.17 -4.71 -6.38
C SER A 97 10.81 -5.75 -5.45
N LYS A 98 12.12 -5.94 -5.58
CA LYS A 98 12.76 -6.91 -4.69
C LYS A 98 12.66 -6.44 -3.25
N VAL A 99 12.85 -5.14 -3.03
CA VAL A 99 12.73 -4.60 -1.68
C VAL A 99 11.34 -4.89 -1.12
N LEU A 100 10.32 -4.59 -1.89
CA LEU A 100 8.96 -4.83 -1.45
C LEU A 100 8.71 -6.29 -1.06
N HIS A 101 9.14 -7.20 -1.90
CA HIS A 101 8.92 -8.60 -1.62
C HIS A 101 9.71 -9.13 -0.44
N ARG A 102 10.93 -8.69 -0.25
CA ARG A 102 11.69 -9.13 0.88
C ARG A 102 11.01 -8.66 2.16
N ILE A 103 10.51 -7.44 2.16
CA ILE A 103 9.82 -6.94 3.35
C ILE A 103 8.54 -7.73 3.60
N CYS A 104 7.76 -7.98 2.54
CA CYS A 104 6.48 -8.66 2.73
C CYS A 104 6.69 -10.10 3.18
N SER A 105 7.70 -10.78 2.64
CA SER A 105 7.96 -12.15 3.10
C SER A 105 8.52 -12.14 4.53
N ASP A 106 9.34 -11.15 4.87
CA ASP A 106 9.68 -10.93 6.27
C ASP A 106 8.44 -10.76 7.15
N ALA A 107 7.48 -9.93 6.71
CA ALA A 107 6.32 -9.60 7.54
C ALA A 107 5.32 -10.74 7.65
N PHE A 108 5.06 -11.42 6.54
CA PHE A 108 3.90 -12.28 6.38
C PHE A 108 4.18 -13.76 6.47
N HIS A 109 5.43 -14.16 6.74
CA HIS A 109 5.77 -15.58 6.65
C HIS A 109 4.98 -16.43 7.62
N VAL A 110 4.61 -15.87 8.78
CA VAL A 110 3.83 -16.68 9.70
C VAL A 110 2.49 -17.09 9.09
N TYR A 111 1.89 -16.22 8.27
CA TYR A 111 0.60 -16.51 7.65
C TYR A 111 0.65 -17.26 6.32
N GLY A 112 1.59 -16.92 5.43
CA GLY A 112 1.52 -17.51 4.11
C GLY A 112 1.78 -16.46 3.05
N ASP A 113 1.29 -16.75 1.84
CA ASP A 113 1.34 -15.79 0.72
C ASP A 113 0.64 -14.49 1.09
N TYR A 114 1.10 -13.45 0.42
CA TYR A 114 0.58 -12.12 0.53
C TYR A 114 0.27 -11.58 -0.87
N TRP A 115 -0.59 -10.59 -0.92
CA TRP A 115 -0.97 -9.96 -2.16
C TRP A 115 -1.30 -8.48 -1.98
N VAL A 116 -1.67 -7.83 -3.06
CA VAL A 116 -1.98 -6.43 -3.04
C VAL A 116 -3.41 -6.22 -2.58
N LEU A 117 -3.58 -5.64 -1.42
CA LEU A 117 -4.91 -5.35 -0.95
C LEU A 117 -5.39 -4.13 -1.71
N MET A 118 -4.49 -3.18 -1.93
CA MET A 118 -4.75 -1.99 -2.73
C MET A 118 -3.49 -1.21 -3.09
N GLY A 119 -3.35 -0.91 -4.37
CA GLY A 119 -2.28 -0.10 -4.93
C GLY A 119 -3.01 1.13 -5.46
N ALA A 120 -2.76 2.29 -4.88
CA ALA A 120 -3.49 3.50 -5.27
C ALA A 120 -2.53 4.68 -5.30
N VAL A 121 -2.78 5.57 -6.25
CA VAL A 121 -2.20 6.91 -6.23
C VAL A 121 -3.18 7.83 -5.52
N MET A 122 -2.68 8.58 -4.56
CA MET A 122 -3.45 9.60 -3.87
C MET A 122 -2.84 10.95 -4.18
N GLU A 123 -3.68 11.88 -4.59
CA GLU A 123 -3.24 13.25 -4.80
C GLU A 123 -4.11 14.18 -3.99
N LEU A 124 -3.43 14.99 -3.20
CA LEU A 124 -4.04 15.94 -2.30
C LEU A 124 -3.94 17.35 -2.83
N ALA A 125 -5.06 18.02 -2.88
CA ALA A 125 -5.10 19.36 -3.43
C ALA A 125 -4.43 20.33 -2.46
N PRO A 126 -3.98 21.48 -2.95
CA PRO A 126 -3.50 22.51 -2.03
C PRO A 126 -4.51 22.76 -0.93
N SER A 127 -3.99 22.97 0.28
CA SER A 127 -4.76 23.23 1.50
C SER A 127 -5.63 22.06 1.92
N ASN A 128 -5.33 20.86 1.42
CA ASN A 128 -5.91 19.64 1.96
C ASN A 128 -5.71 19.60 3.48
N PRO A 129 -6.75 19.37 4.27
CA PRO A 129 -6.61 19.31 5.72
C PRO A 129 -5.99 17.99 6.18
N ALA A 130 -5.49 18.00 7.41
CA ALA A 130 -4.97 16.77 7.99
C ALA A 130 -6.10 15.77 8.14
N GLN A 131 -5.77 14.50 7.89
CA GLN A 131 -6.71 13.44 8.17
C GLN A 131 -6.80 13.22 9.68
N PRO A 132 -7.93 12.74 10.19
CA PRO A 132 -7.95 12.24 11.57
C PRO A 132 -6.96 11.08 11.75
N LEU A 133 -6.29 11.07 12.90
CA LEU A 133 -5.42 9.95 13.24
C LEU A 133 -6.19 8.64 13.18
N HIS A 134 -5.61 7.64 12.55
CA HIS A 134 -6.36 6.41 12.31
C HIS A 134 -5.43 5.22 12.13
N ARG A 135 -6.02 4.04 12.28
CA ARG A 135 -5.45 2.79 11.78
C ARG A 135 -6.18 2.42 10.50
N ASP A 136 -5.47 1.79 9.57
CA ASP A 136 -6.14 1.43 8.33
C ASP A 136 -7.00 0.18 8.54
N MET A 137 -7.76 -0.18 7.50
CA MET A 137 -8.51 -1.43 7.39
C MET A 137 -9.87 -1.39 8.11
N ARG A 138 -10.18 -0.36 8.88
CA ARG A 138 -11.39 -0.39 9.69
C ARG A 138 -12.65 -0.04 8.92
N PHE A 139 -12.55 0.43 7.66
CA PHE A 139 -13.73 0.63 6.81
C PHE A 139 -13.95 -0.49 5.80
N SER A 140 -13.15 -1.54 5.86
CA SER A 140 -13.17 -2.60 4.86
C SER A 140 -13.14 -3.97 5.55
N HIS A 141 -12.25 -4.14 6.52
CA HIS A 141 -12.03 -5.43 7.17
C HIS A 141 -12.25 -5.36 8.67
N PRO A 142 -13.50 -5.26 9.12
CA PRO A 142 -13.75 -5.31 10.57
C PRO A 142 -13.22 -6.56 11.26
N ILE A 143 -13.01 -7.66 10.53
CA ILE A 143 -12.40 -8.84 11.15
C ILE A 143 -11.11 -8.48 11.91
N VAL A 144 -10.37 -7.52 11.36
CA VAL A 144 -9.04 -7.19 11.88
C VAL A 144 -9.14 -6.69 13.32
N GLU A 145 -10.22 -6.04 13.69
CA GLU A 145 -10.39 -5.58 15.06
C GLU A 145 -10.57 -6.72 16.04
N TYR A 146 -10.98 -7.88 15.57
CA TYR A 146 -11.16 -9.03 16.43
C TYR A 146 -9.91 -9.87 16.66
N LEU A 147 -8.82 -9.50 16.03
CA LEU A 147 -7.58 -10.21 16.21
C LEU A 147 -7.04 -9.95 17.61
N LYS A 148 -6.44 -10.93 18.23
CA LYS A 148 -5.75 -10.69 19.49
C LYS A 148 -4.75 -9.55 19.32
N PRO A 149 -4.47 -8.78 20.38
CA PRO A 149 -3.60 -7.60 20.23
C PRO A 149 -2.16 -7.93 19.90
N ASP A 150 -1.72 -9.15 20.16
CA ASP A 150 -0.36 -9.59 19.85
C ASP A 150 -0.26 -10.35 18.53
N ALA A 151 -1.35 -10.50 17.78
CA ALA A 151 -1.30 -11.21 16.52
C ALA A 151 -0.38 -10.47 15.54
N PRO A 152 0.47 -11.18 14.81
CA PRO A 152 1.30 -10.51 13.80
C PRO A 152 0.42 -9.72 12.84
N ALA A 153 0.96 -8.60 12.35
CA ALA A 153 0.24 -7.72 11.44
C ALA A 153 -0.15 -8.49 10.18
N THR A 154 -1.43 -8.38 9.80
CA THR A 154 -1.93 -9.06 8.60
C THR A 154 -1.93 -8.18 7.36
N SER A 155 -1.63 -6.89 7.49
CA SER A 155 -1.39 -6.03 6.34
C SER A 155 -0.42 -4.92 6.75
N ILE A 156 0.25 -4.36 5.74
CA ILE A 156 1.13 -3.23 5.93
C ILE A 156 0.95 -2.28 4.74
N ASN A 157 1.41 -1.04 4.92
CA ASN A 157 1.12 0.01 3.96
C ASN A 157 2.42 0.72 3.63
N PHE A 158 2.81 0.69 2.38
CA PHE A 158 3.97 1.40 1.89
C PHE A 158 3.45 2.72 1.33
N LEU A 159 3.73 3.82 1.97
CA LEU A 159 3.30 5.12 1.47
C LEU A 159 4.51 5.73 0.79
N VAL A 160 4.48 5.70 -0.55
CA VAL A 160 5.62 6.07 -1.37
C VAL A 160 5.39 7.48 -1.86
N ALA A 161 6.35 8.37 -1.61
CA ALA A 161 6.20 9.75 -2.05
C ALA A 161 6.44 9.84 -3.55
N LEU A 162 5.46 10.34 -4.29
CA LEU A 162 5.64 10.64 -5.70
C LEU A 162 6.01 12.11 -5.92
N SER A 163 6.05 12.89 -4.86
CA SER A 163 6.51 14.27 -4.84
C SER A 163 7.05 14.51 -3.43
N PRO A 164 7.63 15.68 -3.17
CA PRO A 164 8.32 15.86 -1.88
C PRO A 164 7.33 15.88 -0.73
N PHE A 165 7.68 15.21 0.38
CA PHE A 165 6.91 15.34 1.62
C PHE A 165 7.67 16.28 2.55
N THR A 166 7.07 17.42 2.85
CA THR A 166 7.62 18.36 3.82
C THR A 166 6.57 18.59 4.90
N ALA A 167 7.01 19.08 6.05
CA ALA A 167 6.06 19.43 7.10
C ALA A 167 5.06 20.45 6.58
N GLU A 168 5.51 21.34 5.70
CA GLU A 168 4.67 22.43 5.20
C GLU A 168 3.61 21.95 4.21
N ASN A 169 3.91 20.91 3.43
CA ASN A 169 2.97 20.44 2.42
C ASN A 169 2.15 19.23 2.89
N GLY A 170 2.20 18.88 4.17
CA GLY A 170 1.32 17.88 4.71
C GLY A 170 1.89 16.49 4.85
N ALA A 171 3.21 16.36 4.99
CA ALA A 171 3.84 15.06 5.16
C ALA A 171 3.13 14.25 6.24
N THR A 172 3.07 12.93 6.03
CA THR A 172 2.33 12.05 6.91
C THR A 172 2.78 12.18 8.36
N HIS A 173 1.84 12.04 9.29
CA HIS A 173 2.11 11.91 10.72
C HIS A 173 2.02 10.45 11.14
N VAL A 174 2.93 10.02 12.01
CA VAL A 174 2.82 8.70 12.63
C VAL A 174 3.05 8.87 14.13
N ILE A 175 2.53 7.91 14.90
CA ILE A 175 2.84 7.81 16.33
C ILE A 175 3.68 6.56 16.51
N LEU A 176 4.96 6.73 16.83
CA LEU A 176 5.83 5.57 17.00
C LEU A 176 5.36 4.74 18.18
N GLY A 177 5.43 3.42 18.01
CA GLY A 177 4.99 2.50 19.03
C GLY A 177 3.49 2.29 19.11
N SER A 178 2.70 3.09 18.38
CA SER A 178 1.24 3.06 18.51
C SER A 178 0.63 1.77 17.98
N HIS A 179 1.36 1.00 17.19
CA HIS A 179 0.84 -0.26 16.69
C HIS A 179 0.67 -1.29 17.80
N LYS A 180 1.31 -1.06 18.95
CA LYS A 180 1.17 -1.90 20.14
C LYS A 180 0.21 -1.34 21.18
N TRP A 181 -0.37 -0.16 20.93
CA TRP A 181 -1.26 0.45 21.90
C TRP A 181 -2.59 -0.28 21.93
N GLN A 182 -3.01 -0.73 23.10
CA GLN A 182 -4.41 -1.07 23.29
C GLN A 182 -5.21 0.12 23.81
N ASN A 183 -4.66 0.83 24.80
CA ASN A 183 -5.28 2.03 25.36
C ASN A 183 -5.03 3.19 24.41
N LEU A 184 -6.11 3.77 23.86
CA LEU A 184 -5.99 4.86 22.89
C LEU A 184 -6.19 6.24 23.51
N SER A 185 -6.31 6.32 24.83
CA SER A 185 -6.54 7.62 25.47
C SER A 185 -5.42 8.62 25.21
N ASN A 186 -4.24 8.16 24.83
CA ASN A 186 -3.11 9.04 24.60
C ASN A 186 -2.97 9.49 23.14
N VAL A 187 -3.91 9.14 22.26
CA VAL A 187 -3.78 9.55 20.87
C VAL A 187 -3.99 11.05 20.77
N SER A 188 -3.00 11.75 20.21
CA SER A 188 -3.15 13.15 19.87
C SER A 188 -2.05 13.49 18.87
N MET A 189 -2.24 14.60 18.15
CA MET A 189 -1.20 15.06 17.23
C MET A 189 0.08 15.37 17.99
N ASP A 190 -0.05 15.68 19.28
CA ASP A 190 1.09 15.86 20.18
C ASP A 190 2.08 14.70 20.13
N ALA A 191 1.59 13.50 19.97
CA ALA A 191 2.49 12.35 19.99
C ALA A 191 3.10 11.98 18.65
N THR A 192 2.78 12.69 17.60
CA THR A 192 3.28 12.33 16.32
C THR A 192 4.63 12.89 15.96
N VAL A 193 5.19 12.27 14.95
CA VAL A 193 6.38 12.66 14.24
C VAL A 193 6.04 12.59 12.73
N ARG A 194 6.85 13.24 11.94
CA ARG A 194 6.56 13.43 10.52
C ARG A 194 7.44 12.54 9.67
N ALA A 195 6.90 12.09 8.52
CA ALA A 195 7.69 11.39 7.50
C ALA A 195 8.06 12.41 6.43
N LEU A 196 9.28 12.95 6.55
CA LEU A 196 9.81 13.91 5.61
C LEU A 196 10.57 13.11 4.56
N MET A 197 10.19 13.26 3.30
CA MET A 197 10.62 12.29 2.31
C MET A 197 10.81 12.96 0.97
N ASN A 198 11.75 12.48 0.26
CA ASN A 198 12.00 12.78 -1.14
C ASN A 198 11.19 11.84 -2.01
N PRO A 199 10.87 12.26 -3.23
CA PRO A 199 10.16 11.36 -4.15
C PRO A 199 10.90 10.05 -4.28
N GLY A 200 10.15 8.94 -4.21
CA GLY A 200 10.73 7.61 -4.23
C GLY A 200 11.04 7.05 -2.87
N ASP A 201 11.14 7.88 -1.85
CA ASP A 201 11.13 7.36 -0.49
C ASP A 201 9.74 6.82 -0.16
N ALA A 202 9.71 5.85 0.77
CA ALA A 202 8.46 5.23 1.23
C ALA A 202 8.40 5.23 2.74
N LEU A 203 7.24 5.59 3.26
CA LEU A 203 6.92 5.39 4.66
C LEU A 203 6.21 4.04 4.82
N LEU A 204 6.76 3.17 5.65
CA LEU A 204 6.20 1.84 5.84
C LEU A 204 5.59 1.73 7.23
N ILE A 205 4.29 1.41 7.30
CA ILE A 205 3.58 1.30 8.55
C ILE A 205 2.83 -0.03 8.53
N THR A 206 2.33 -0.45 9.70
CA THR A 206 1.46 -1.61 9.74
C THR A 206 0.00 -1.17 9.80
N ASP A 207 -0.90 -2.14 9.74
CA ASP A 207 -2.33 -1.84 9.89
C ASP A 207 -2.68 -1.37 11.29
N SER A 208 -1.79 -1.52 12.27
CA SER A 208 -2.06 -1.00 13.61
C SER A 208 -1.36 0.32 13.90
N THR A 209 -0.53 0.81 12.99
CA THR A 209 0.15 2.08 13.21
C THR A 209 -0.85 3.24 13.10
N ILE A 210 -0.92 4.05 14.15
CA ILE A 210 -1.78 5.22 14.15
C ILE A 210 -1.06 6.33 13.39
N HIS A 211 -1.73 6.90 12.39
CA HIS A 211 -1.11 7.82 11.45
C HIS A 211 -2.19 8.70 10.85
N CYS A 212 -1.74 9.78 10.20
CA CYS A 212 -2.66 10.56 9.41
C CYS A 212 -1.87 11.36 8.37
N GLY A 213 -2.49 11.57 7.21
CA GLY A 213 -2.00 12.60 6.32
C GLY A 213 -1.92 13.93 7.04
N GLY A 214 -0.93 14.74 6.67
CA GLY A 214 -0.76 16.04 7.30
C GLY A 214 -1.56 17.13 6.61
N ALA A 215 -1.57 18.30 7.26
CA ALA A 215 -2.26 19.46 6.73
C ALA A 215 -1.37 20.15 5.70
N GLU A 216 -1.94 20.45 4.54
CA GLU A 216 -1.19 21.15 3.50
C GLU A 216 -1.33 22.64 3.81
N THR A 217 -0.21 23.27 4.24
CA THR A 217 -0.22 24.65 4.72
C THR A 217 0.32 25.68 3.73
N THR A 218 0.86 25.27 2.58
CA THR A 218 1.41 26.27 1.68
C THR A 218 0.29 26.93 0.87
N GLY A 219 -0.81 26.22 0.64
CA GLY A 219 -1.87 26.68 -0.21
C GLY A 219 -1.59 26.56 -1.69
N THR A 220 -0.42 26.00 -2.06
CA THR A 220 0.07 25.96 -3.42
C THR A 220 0.42 24.55 -3.86
N GLU A 221 1.16 23.82 -3.02
CA GLU A 221 1.72 22.54 -3.44
C GLU A 221 0.67 21.43 -3.51
N THR A 222 0.81 20.58 -4.52
CA THR A 222 0.01 19.38 -4.70
C THR A 222 0.87 18.18 -4.39
N ARG A 223 0.57 17.52 -3.28
CA ARG A 223 1.32 16.38 -2.81
C ARG A 223 0.68 15.11 -3.35
N ARG A 224 1.53 14.17 -3.79
CA ARG A 224 1.05 12.93 -4.37
C ARG A 224 1.88 11.77 -3.81
N LEU A 225 1.22 10.62 -3.67
CA LEU A 225 1.87 9.44 -3.14
C LEU A 225 1.28 8.20 -3.78
N LEU A 226 2.05 7.12 -3.74
CA LEU A 226 1.58 5.80 -4.09
C LEU A 226 1.44 5.00 -2.80
N THR A 227 0.22 4.60 -2.46
CA THR A 227 -0.03 3.75 -1.30
C THR A 227 -0.20 2.30 -1.75
N ILE A 228 0.66 1.42 -1.26
CA ILE A 228 0.58 0.00 -1.56
C ILE A 228 0.29 -0.69 -0.23
N THR A 229 -0.94 -1.12 -0.04
CA THR A 229 -1.29 -1.94 1.11
C THR A 229 -1.05 -3.38 0.71
N MET A 230 -0.09 -4.01 1.36
CA MET A 230 0.21 -5.41 1.14
C MET A 230 -0.38 -6.20 2.30
N GLY A 231 -1.04 -7.32 1.98
CA GLY A 231 -1.69 -8.09 3.01
C GLY A 231 -1.68 -9.57 2.71
N ILE A 232 -1.87 -10.35 3.77
CA ILE A 232 -1.89 -11.79 3.59
C ILE A 232 -3.00 -12.16 2.60
N SER A 233 -2.77 -13.21 1.84
CA SER A 233 -3.70 -13.61 0.81
C SER A 233 -4.99 -14.19 1.37
N GLN A 234 -5.08 -14.42 2.69
CA GLN A 234 -6.33 -14.85 3.31
C GLN A 234 -7.31 -13.71 3.47
N LEU A 235 -6.89 -12.46 3.21
CA LEU A 235 -7.76 -11.29 3.33
C LEU A 235 -8.12 -10.75 1.94
N THR A 236 -9.35 -10.29 1.77
CA THR A 236 -9.83 -9.90 0.46
C THR A 236 -9.33 -8.51 0.10
N PRO A 237 -8.80 -8.32 -1.08
CA PRO A 237 -8.34 -6.99 -1.45
C PRO A 237 -9.46 -5.98 -1.49
N LEU A 238 -9.13 -4.74 -1.27
CA LEU A 238 -10.09 -3.68 -1.35
C LEU A 238 -10.49 -3.40 -2.80
N GLU A 239 -9.62 -3.78 -3.73
CA GLU A 239 -9.78 -3.46 -5.14
C GLU A 239 -9.81 -4.76 -5.92
N SER A 240 -10.38 -4.71 -7.13
CA SER A 240 -10.49 -5.89 -7.98
C SER A 240 -9.69 -5.68 -9.26
N ASN A 241 -8.93 -6.69 -9.63
CA ASN A 241 -8.31 -6.78 -10.95
C ASN A 241 -9.07 -7.66 -11.93
N LEU A 242 -10.28 -8.11 -11.58
CA LEU A 242 -11.01 -9.04 -12.43
C LEU A 242 -11.25 -8.48 -13.82
N ALA A 243 -11.35 -7.16 -13.96
CA ALA A 243 -11.68 -6.55 -15.23
C ALA A 243 -10.45 -6.08 -15.99
N VAL A 244 -9.26 -6.33 -15.46
CA VAL A 244 -8.03 -6.00 -16.20
C VAL A 244 -7.94 -6.89 -17.44
N PRO A 245 -7.72 -6.33 -18.63
CA PRO A 245 -7.72 -7.16 -19.83
C PRO A 245 -6.71 -8.29 -19.72
N ARG A 246 -7.11 -9.48 -20.17
CA ARG A 246 -6.21 -10.62 -20.03
C ARG A 246 -4.87 -10.41 -20.71
N PRO A 247 -4.77 -9.74 -21.86
CA PRO A 247 -3.43 -9.45 -22.41
C PRO A 247 -2.52 -8.73 -21.42
N VAL A 248 -3.06 -7.76 -20.68
CA VAL A 248 -2.24 -7.07 -19.69
C VAL A 248 -1.76 -8.06 -18.64
N ILE A 249 -2.68 -8.86 -18.10
CA ILE A 249 -2.32 -9.85 -17.09
C ILE A 249 -1.21 -10.75 -17.59
N GLU A 250 -1.33 -11.22 -18.83
CA GLU A 250 -0.37 -12.18 -19.36
C GLU A 250 0.97 -11.55 -19.71
N SER A 251 1.09 -10.22 -19.65
CA SER A 251 2.39 -9.59 -19.81
C SER A 251 3.15 -9.52 -18.50
N LEU A 252 2.55 -9.91 -17.38
CA LEU A 252 3.19 -9.73 -16.09
C LEU A 252 4.04 -10.96 -15.74
N THR A 253 4.81 -10.82 -14.67
CA THR A 253 5.45 -11.98 -14.08
C THR A 253 4.40 -12.83 -13.35
N PRO A 254 4.68 -14.11 -13.16
CA PRO A 254 3.83 -14.94 -12.28
C PRO A 254 3.65 -14.33 -10.91
N LEU A 255 4.71 -13.72 -10.39
CA LEU A 255 4.60 -13.10 -9.07
C LEU A 255 3.61 -11.94 -9.10
N ALA A 256 3.76 -11.04 -10.07
CA ALA A 256 2.81 -9.94 -10.22
C ALA A 256 1.39 -10.45 -10.46
N GLN A 257 1.26 -11.54 -11.23
CA GLN A 257 -0.08 -12.10 -11.43
C GLN A 257 -0.69 -12.54 -10.10
N ARG A 258 0.09 -13.22 -9.27
CA ARG A 258 -0.43 -13.66 -7.97
C ARG A 258 -0.87 -12.47 -7.15
N LEU A 259 -0.06 -11.41 -7.13
CA LEU A 259 -0.36 -10.23 -6.33
C LEU A 259 -1.67 -9.57 -6.72
N LEU A 260 -2.10 -9.73 -7.96
CA LEU A 260 -3.33 -9.13 -8.45
C LEU A 260 -4.53 -10.07 -8.39
N GLY A 261 -4.39 -11.26 -7.80
CA GLY A 261 -5.49 -12.19 -7.67
C GLY A 261 -5.73 -13.06 -8.89
N TRP A 262 -4.77 -13.06 -9.82
CA TRP A 262 -4.80 -13.89 -11.03
C TRP A 262 -4.01 -15.19 -10.88
N ALA A 263 -3.78 -15.62 -9.64
CA ALA A 263 -3.16 -16.92 -9.38
C ALA A 263 -3.78 -17.50 -8.12
N SER A 264 -3.60 -18.79 -7.91
CA SER A 264 -4.02 -19.31 -6.61
C SER A 264 -3.03 -18.83 -5.55
N GLN A 265 -3.34 -19.12 -4.29
CA GLN A 265 -2.58 -18.60 -3.17
C GLN A 265 -2.33 -19.74 -2.18
N ARG A 266 -1.31 -19.59 -1.33
CA ARG A 266 -0.99 -20.61 -0.34
C ARG A 266 -0.95 -20.01 1.07
N SER A 267 -1.43 -20.77 2.07
CA SER A 267 -1.15 -20.36 3.43
C SER A 267 0.13 -21.01 3.89
N ALA A 268 0.60 -20.62 5.09
CA ALA A 268 1.77 -21.21 5.70
C ALA A 268 1.47 -22.48 6.49
N ALA A 269 0.21 -22.91 6.58
CA ALA A 269 -0.08 -24.13 7.32
C ALA A 269 0.72 -25.29 6.73
N PRO A 270 1.35 -26.13 7.57
CA PRO A 270 2.22 -27.17 7.03
C PRO A 270 1.58 -28.05 5.93
N ARG A 271 0.33 -28.45 6.12
CA ARG A 271 -0.44 -29.19 5.13
C ARG A 271 -1.39 -28.30 4.33
N ASP A 272 -1.02 -27.03 4.13
CA ASP A 272 -1.84 -26.06 3.42
C ASP A 272 -2.58 -26.69 2.25
N ILE A 273 -3.89 -26.44 2.19
CA ILE A 273 -4.72 -26.90 1.07
C ILE A 273 -4.99 -25.79 0.05
N GLY A 274 -4.51 -24.58 0.30
CA GLY A 274 -4.52 -23.53 -0.71
C GLY A 274 -5.75 -22.64 -0.65
N LEU A 275 -5.65 -21.51 -1.38
CA LEU A 275 -6.73 -20.54 -1.52
C LEU A 275 -6.97 -20.31 -3.01
N LEU A 276 -8.23 -20.13 -3.41
CA LEU A 276 -8.58 -19.88 -4.82
C LEU A 276 -8.08 -21.01 -5.72
N THR A 277 -8.25 -22.24 -5.26
CA THR A 277 -7.88 -23.38 -6.09
C THR A 277 -9.09 -23.89 -6.85
N ILE A 278 -8.84 -24.81 -7.78
CA ILE A 278 -9.91 -25.38 -8.58
C ILE A 278 -9.70 -26.89 -8.61
N ARG A 279 -10.54 -27.62 -7.87
CA ARG A 279 -10.52 -29.08 -7.78
C ARG A 279 -9.08 -29.59 -7.64
N GLY A 280 -8.28 -28.92 -6.82
CA GLY A 280 -6.93 -29.34 -6.57
C GLY A 280 -5.88 -28.67 -7.44
N ASN A 281 -6.28 -27.87 -8.41
CA ASN A 281 -5.32 -27.22 -9.28
C ASN A 281 -5.43 -25.71 -9.18
N SER A 282 -4.34 -25.05 -9.57
CA SER A 282 -4.28 -23.60 -9.49
C SER A 282 -5.11 -22.95 -10.60
N ILE A 283 -5.47 -21.69 -10.35
CA ILE A 283 -6.02 -20.81 -11.40
C ILE A 283 -5.12 -20.85 -12.62
N GLU A 284 -3.84 -20.53 -12.42
CA GLU A 284 -2.95 -20.37 -13.56
C GLU A 284 -2.77 -21.68 -14.33
N LYS A 285 -2.80 -22.82 -13.64
CA LYS A 285 -2.76 -24.10 -14.34
C LYS A 285 -4.07 -24.40 -15.05
N THR A 286 -5.20 -24.18 -14.36
CA THR A 286 -6.51 -24.43 -14.97
C THR A 286 -6.70 -23.58 -16.22
N MET A 287 -6.44 -22.28 -16.12
CA MET A 287 -6.71 -21.38 -17.23
C MET A 287 -5.60 -21.37 -18.27
N ASN A 288 -4.49 -22.08 -18.03
CA ASN A 288 -3.32 -22.04 -18.90
C ASN A 288 -2.85 -20.59 -19.08
N LEU A 289 -2.70 -19.91 -17.95
CA LEU A 289 -2.42 -18.48 -17.96
C LEU A 289 -0.95 -18.27 -18.32
N LYS A 290 -0.71 -17.54 -19.40
CA LYS A 290 0.65 -17.21 -19.79
C LYS A 290 1.19 -16.06 -18.95
N ALA A 291 2.52 -15.97 -18.87
CA ALA A 291 3.17 -14.88 -18.16
C ALA A 291 4.27 -14.28 -19.03
N GLU A 292 4.49 -12.98 -18.86
CA GLU A 292 5.60 -12.29 -19.48
C GLU A 292 5.50 -12.28 -21.01
N GLN A 293 4.27 -12.34 -21.53
CA GLN A 293 4.01 -12.22 -22.95
C GLN A 293 3.87 -10.74 -23.27
N PRO A 294 4.81 -10.12 -23.97
CA PRO A 294 4.68 -8.68 -24.22
C PRO A 294 3.47 -8.35 -25.07
N LEU A 295 3.01 -7.11 -24.93
CA LEU A 295 1.82 -6.61 -25.59
C LEU A 295 2.13 -6.19 -27.04
FE FE B . -4.11 5.61 6.38
C1 AKG C . -4.96 7.01 4.34
O1 AKG C . -5.42 5.93 4.90
O2 AKG C . -5.59 7.54 3.38
C2 AKG C . -3.68 7.76 4.79
O5 AKG C . -3.27 7.61 5.89
C3 AKG C . -2.94 8.73 3.83
C4 AKG C . -1.79 9.47 4.55
C5 AKG C . -1.23 10.69 3.78
O3 AKG C . 0.00 10.92 3.78
O4 AKG C . -1.99 11.47 3.19
H31 AKG C . -2.57 8.22 3.09
H32 AKG C . -3.58 9.37 3.49
H41 AKG C . -2.11 9.77 5.41
H42 AKG C . -1.07 8.83 4.69
C4 58K D . -8.82 4.88 2.78
C7 58K D . -8.37 4.52 5.25
C8 58K D . -8.85 5.00 6.74
C10 58K D . -9.36 7.01 8.05
C13 58K D . -8.74 8.76 5.92
C15 58K D . -8.29 3.10 5.16
C20 58K D . -4.88 3.51 1.73
C12 58K D . -9.19 9.33 7.27
C11 58K D . -9.49 8.51 8.26
C14 58K D . -8.62 7.46 5.75
C9 58K D . -8.95 6.52 6.89
O16 58K D . -8.76 2.39 5.98
N17 58K D . -7.63 2.52 4.06
C18 58K D . -6.99 3.26 3.07
C19 58K D . -5.70 2.88 2.69
C1 58K D . -5.44 4.66 1.10
C2 58K D . -6.70 5.11 1.42
C3 58K D . -7.54 4.43 2.45
O5 58K D . -9.54 5.24 1.90
N6 58K D . -9.27 4.94 4.11
C23 58K D . -10.65 5.44 4.27
H1 58K D . -7.51 4.87 5.09
H2 58K D . -8.23 4.68 7.37
H3 58K D . -9.69 4.62 6.91
H4 58K D . -9.57 6.43 8.75
H5 58K D . -8.52 9.35 5.24
H6 58K D . -4.04 3.18 1.52
H7 58K D . -9.27 10.24 7.38
H8 58K D . -9.77 8.85 9.08
H9 58K D . -8.33 7.13 4.93
H10 58K D . -7.58 1.65 4.03
H11 58K D . -5.38 2.19 3.08
H12 58K D . -4.94 5.11 0.45
H13 58K D . -7.01 5.81 1.03
H14 58K D . -10.70 6.33 3.99
H15 58K D . -11.23 4.90 3.77
H16 58K D . -10.88 5.38 5.18
#